data_4L4J
#
_entry.id   4L4J
#
_cell.length_a   68.540
_cell.length_b   69.970
_cell.length_c   112.250
_cell.angle_alpha   90.00
_cell.angle_beta   90.00
_cell.angle_gamma   90.00
#
_symmetry.space_group_name_H-M   'P 21 21 21'
#
loop_
_entity.id
_entity.type
_entity.pdbx_description
1 polymer 'Ig gamma-2 chain C region'
2 branched 2-acetamido-2-deoxy-beta-D-glucopyranose-(1-2)-alpha-D-mannopyranose-(1-6)-[alpha-D-mannopyranose-(1-3)]beta-D-mannopyranose-(1-4)-2-acetamido-2-deoxy-beta-D-glucopyranose-(1-4)-[alpha-L-fucopyranose-(1-6)]2-acetamido-2-deoxy-beta-D-glucopyranose
3 branched 2-acetamido-2-deoxy-beta-D-glucopyranose-(1-2)-alpha-D-mannopyranose-(1-6)-beta-D-mannopyranose-(1-4)-2-acetamido-2-deoxy-beta-D-glucopyranose-(1-4)-2-acetamido-2-deoxy-beta-D-glucopyranose
4 non-polymer GLYCEROL
5 water water
#
_entity_poly.entity_id   1
_entity_poly.type   'polypeptide(L)'
_entity_poly.pdbx_seq_one_letter_code
;CPPCPAPPAAASSVFLFPPKPKDTLMISRTPEVTCVVVDVSAEDPEVQFNWYVDGVEVHNAKTKPREEQFNSTFRVVSVL
TVLHQDWLNGKEYKCKVSNKGLPSSIEKTISKTKGQPREPQVYTLPPSREEMTKNQVSLTCLVKGFYPSDIAVEWESNGQ
PENNYKTTPPMLDSDGSFFLYSKLTVDKSRWQQGNVFSCSVMHEALHNHYTQKSLSLSPGK
;
_entity_poly.pdbx_strand_id   A,B
#
loop_
_chem_comp.id
_chem_comp.type
_chem_comp.name
_chem_comp.formula
BMA D-saccharide, beta linking beta-D-mannopyranose 'C6 H12 O6'
FUC L-saccharide, alpha linking alpha-L-fucopyranose 'C6 H12 O5'
GOL non-polymer GLYCEROL 'C3 H8 O3'
MAN D-saccharide, alpha linking alpha-D-mannopyranose 'C6 H12 O6'
NAG D-saccharide, beta linking 2-acetamido-2-deoxy-beta-D-glucopyranose 'C8 H15 N O6'
#
# COMPACT_ATOMS: atom_id res chain seq x y z
N ALA A 11 -23.15 -10.73 19.56
CA ALA A 11 -22.60 -12.09 19.34
C ALA A 11 -21.73 -12.19 18.08
N SER A 12 -22.23 -12.87 17.05
CA SER A 12 -21.45 -13.19 15.84
C SER A 12 -21.14 -11.99 14.96
N SER A 13 -20.04 -12.07 14.21
CA SER A 13 -19.69 -11.08 13.20
C SER A 13 -19.59 -11.75 11.83
N VAL A 14 -20.11 -11.06 10.81
CA VAL A 14 -20.18 -11.60 9.46
C VAL A 14 -19.36 -10.69 8.56
N PHE A 15 -18.48 -11.28 7.77
CA PHE A 15 -17.70 -10.55 6.81
C PHE A 15 -17.90 -11.17 5.44
N LEU A 16 -18.08 -10.31 4.45
CA LEU A 16 -18.43 -10.77 3.11
C LEU A 16 -17.41 -10.19 2.15
N PHE A 17 -16.73 -11.09 1.45
CA PHE A 17 -15.57 -10.73 0.61
C PHE A 17 -15.88 -10.84 -0.87
N PRO A 18 -15.41 -9.87 -1.68
CA PRO A 18 -15.63 -9.89 -3.12
C PRO A 18 -14.71 -10.89 -3.82
N PRO A 19 -15.00 -11.20 -5.10
CA PRO A 19 -14.08 -12.02 -5.88
C PRO A 19 -12.75 -11.28 -6.11
N LYS A 20 -11.69 -12.04 -6.41
CA LYS A 20 -10.42 -11.45 -6.81
C LYS A 20 -10.52 -10.83 -8.19
N PRO A 21 -9.89 -9.65 -8.38
CA PRO A 21 -9.97 -9.01 -9.69
C PRO A 21 -9.52 -9.89 -10.86
N LYS A 22 -8.46 -10.69 -10.71
CA LYS A 22 -8.03 -11.56 -11.79
C LYS A 22 -9.12 -12.58 -12.18
N ASP A 23 -9.86 -13.05 -11.17
CA ASP A 23 -10.94 -14.01 -11.40
C ASP A 23 -12.11 -13.43 -12.17
N THR A 24 -12.46 -12.18 -11.89
CA THR A 24 -13.58 -11.52 -12.60
C THR A 24 -13.20 -11.12 -14.05
N LEU A 25 -11.93 -10.80 -14.26
CA LEU A 25 -11.46 -10.30 -15.56
C LEU A 25 -11.01 -11.37 -16.58
N MET A 26 -10.54 -12.52 -16.09
CA MET A 26 -10.15 -13.63 -16.96
C MET A 26 -11.30 -14.62 -16.99
N ILE A 27 -11.86 -14.76 -18.18
CA ILE A 27 -13.03 -15.63 -18.39
C ILE A 27 -12.78 -17.10 -18.05
N SER A 28 -11.53 -17.55 -18.14
CA SER A 28 -11.17 -18.93 -17.79
C SER A 28 -11.04 -19.19 -16.28
N ARG A 29 -11.09 -18.14 -15.47
CA ARG A 29 -10.97 -18.29 -14.02
C ARG A 29 -12.35 -18.27 -13.35
N THR A 30 -12.44 -18.63 -12.07
CA THR A 30 -13.76 -18.73 -11.43
C THR A 30 -13.87 -17.78 -10.23
N PRO A 31 -14.55 -16.64 -10.44
CA PRO A 31 -14.76 -15.69 -9.34
C PRO A 31 -15.80 -16.22 -8.33
N GLU A 32 -15.64 -15.81 -7.06
CA GLU A 32 -16.51 -16.26 -5.98
C GLU A 32 -16.58 -15.19 -4.91
N VAL A 33 -17.75 -15.13 -4.24
CA VAL A 33 -17.96 -14.27 -3.08
C VAL A 33 -17.92 -15.20 -1.86
N THR A 34 -17.30 -14.71 -0.78
CA THR A 34 -17.07 -15.53 0.41
C THR A 34 -17.66 -14.85 1.65
N CYS A 35 -18.57 -15.57 2.31
CA CYS A 35 -19.21 -15.09 3.52
C CYS A 35 -18.59 -15.87 4.69
N VAL A 36 -18.03 -15.14 5.65
CA VAL A 36 -17.32 -15.75 6.79
C VAL A 36 -18.04 -15.28 8.08
N VAL A 37 -18.37 -16.22 8.96
CA VAL A 37 -18.99 -15.89 10.23
C VAL A 37 -17.98 -16.25 11.30
N VAL A 38 -17.66 -15.29 12.16
CA VAL A 38 -16.78 -15.59 13.29
C VAL A 38 -17.53 -15.36 14.61
N ASP A 39 -16.84 -15.70 15.71
CA ASP A 39 -17.39 -15.61 17.07
C ASP A 39 -18.62 -16.49 17.25
N VAL A 40 -18.65 -17.62 16.56
CA VAL A 40 -19.74 -18.55 16.64
C VAL A 40 -19.59 -19.36 17.93
N SER A 41 -20.65 -19.45 18.72
CA SER A 41 -20.64 -20.36 19.87
C SER A 41 -21.24 -21.72 19.48
N ALA A 42 -20.55 -22.80 19.83
CA ALA A 42 -21.08 -24.14 19.67
C ALA A 42 -22.28 -24.45 20.58
N GLU A 43 -22.58 -23.57 21.56
CA GLU A 43 -23.82 -23.74 22.37
C GLU A 43 -25.07 -23.19 21.68
N ASP A 44 -24.87 -22.37 20.65
CA ASP A 44 -25.99 -21.87 19.85
C ASP A 44 -26.35 -22.86 18.71
N PRO A 45 -27.58 -22.73 18.14
CA PRO A 45 -28.00 -23.64 17.08
C PRO A 45 -27.13 -23.53 15.82
N GLU A 46 -27.27 -24.52 14.94
CA GLU A 46 -26.55 -24.57 13.67
C GLU A 46 -26.60 -23.22 12.94
N VAL A 47 -25.45 -22.77 12.45
CA VAL A 47 -25.40 -21.54 11.66
C VAL A 47 -25.94 -21.83 10.26
N GLN A 48 -26.86 -21.01 9.79
CA GLN A 48 -27.51 -21.21 8.50
C GLN A 48 -27.23 -20.01 7.61
N PHE A 49 -27.04 -20.30 6.32
CA PHE A 49 -26.76 -19.27 5.31
C PHE A 49 -27.91 -19.23 4.31
N ASN A 50 -28.44 -18.06 4.03
CA ASN A 50 -29.29 -17.87 2.86
C ASN A 50 -28.61 -16.87 1.97
N TRP A 51 -28.57 -17.18 0.68
CA TRP A 51 -27.86 -16.33 -0.26
C TRP A 51 -28.82 -15.82 -1.31
N TYR A 52 -28.60 -14.58 -1.74
CA TYR A 52 -29.51 -13.89 -2.66
C TYR A 52 -28.70 -13.17 -3.74
N VAL A 53 -29.19 -13.21 -4.96
CA VAL A 53 -28.58 -12.47 -6.08
C VAL A 53 -29.64 -11.47 -6.55
N ASP A 54 -29.35 -10.18 -6.44
CA ASP A 54 -30.37 -9.14 -6.68
C ASP A 54 -31.71 -9.43 -5.98
N GLY A 55 -31.65 -9.85 -4.72
CA GLY A 55 -32.85 -10.17 -3.96
C GLY A 55 -33.46 -11.54 -4.16
N VAL A 56 -33.02 -12.27 -5.19
CA VAL A 56 -33.55 -13.60 -5.53
C VAL A 56 -32.72 -14.72 -4.85
N GLU A 57 -33.36 -15.59 -4.07
CA GLU A 57 -32.61 -16.64 -3.34
C GLU A 57 -31.99 -17.69 -4.28
N VAL A 58 -30.74 -18.05 -4.00
CA VAL A 58 -30.01 -19.03 -4.80
C VAL A 58 -29.55 -20.18 -3.90
N HIS A 59 -29.35 -21.35 -4.48
CA HIS A 59 -29.07 -22.54 -3.69
C HIS A 59 -27.77 -23.24 -4.03
N ASN A 60 -26.94 -22.54 -4.80
CA ASN A 60 -25.72 -23.14 -5.29
C ASN A 60 -24.47 -22.80 -4.47
N ALA A 61 -24.61 -22.09 -3.34
CA ALA A 61 -23.45 -21.86 -2.45
C ALA A 61 -22.93 -23.17 -1.86
N LYS A 62 -21.63 -23.20 -1.56
CA LYS A 62 -21.02 -24.32 -0.89
C LYS A 62 -20.57 -23.89 0.51
N THR A 63 -21.25 -24.43 1.51
CA THR A 63 -20.99 -24.09 2.92
C THR A 63 -20.08 -25.15 3.52
N LYS A 64 -19.00 -24.70 4.16
CA LYS A 64 -18.04 -25.61 4.79
C LYS A 64 -18.43 -25.96 6.23
N PRO A 65 -17.96 -27.13 6.72
CA PRO A 65 -18.16 -27.43 8.13
C PRO A 65 -17.52 -26.36 9.02
N ARG A 66 -18.14 -26.11 10.17
CA ARG A 66 -17.59 -25.14 11.12
C ARG A 66 -16.22 -25.61 11.59
N GLU A 67 -15.37 -24.65 11.97
CA GLU A 67 -14.02 -24.95 12.43
C GLU A 67 -13.76 -24.28 13.76
N GLU A 68 -13.36 -25.07 14.76
CA GLU A 68 -13.00 -24.50 16.03
C GLU A 68 -11.73 -23.63 15.91
N GLN A 69 -11.78 -22.47 16.55
CA GLN A 69 -10.68 -21.51 16.58
C GLN A 69 -10.00 -21.57 17.95
N PHE A 70 -8.79 -21.00 18.05
CA PHE A 70 -8.02 -21.04 19.31
C PHE A 70 -8.36 -19.89 20.27
N ASN A 71 -9.62 -19.47 20.27
CA ASN A 71 -10.12 -18.46 21.21
C ASN A 71 -11.54 -18.74 21.68
N SER A 72 -11.86 -20.04 21.82
CA SER A 72 -13.14 -20.50 22.35
C SER A 72 -14.31 -20.05 21.50
N THR A 73 -14.07 -20.01 20.19
CA THR A 73 -15.13 -19.69 19.21
C THR A 73 -14.97 -20.62 18.01
N PHE A 74 -16.01 -20.65 17.17
CA PHE A 74 -15.96 -21.34 15.90
C PHE A 74 -16.04 -20.31 14.77
N ARG A 75 -15.66 -20.74 13.57
CA ARG A 75 -15.74 -19.94 12.37
C ARG A 75 -16.42 -20.83 11.32
N VAL A 76 -17.28 -20.24 10.48
CA VAL A 76 -17.99 -21.01 9.43
C VAL A 76 -17.93 -20.18 8.17
N VAL A 77 -17.66 -20.83 7.03
CA VAL A 77 -17.50 -20.15 5.73
C VAL A 77 -18.47 -20.72 4.70
N SER A 78 -19.08 -19.82 3.93
CA SER A 78 -19.90 -20.22 2.79
C SER A 78 -19.39 -19.48 1.56
N VAL A 79 -19.28 -20.22 0.46
CA VAL A 79 -18.70 -19.70 -0.77
C VAL A 79 -19.70 -19.81 -1.94
N LEU A 80 -19.95 -18.68 -2.59
CA LEU A 80 -20.86 -18.63 -3.74
C LEU A 80 -20.11 -18.24 -5.04
N THR A 81 -20.09 -19.16 -6.00
CA THR A 81 -19.55 -18.85 -7.33
C THR A 81 -20.45 -17.78 -7.97
N VAL A 82 -19.81 -16.81 -8.61
CA VAL A 82 -20.52 -15.75 -9.33
C VAL A 82 -20.20 -15.83 -10.82
N LEU A 83 -21.17 -15.44 -11.66
CA LEU A 83 -20.93 -15.42 -13.10
C LEU A 83 -20.19 -14.14 -13.42
N HIS A 84 -19.28 -14.18 -14.39
CA HIS A 84 -18.44 -13.02 -14.68
C HIS A 84 -19.31 -11.81 -15.07
N GLN A 85 -20.25 -12.02 -15.99
CA GLN A 85 -21.11 -10.93 -16.44
C GLN A 85 -22.04 -10.42 -15.34
N ASP A 86 -22.53 -11.33 -14.48
CA ASP A 86 -23.35 -10.92 -13.31
C ASP A 86 -22.59 -9.96 -12.39
N TRP A 87 -21.34 -10.32 -12.03
CA TRP A 87 -20.53 -9.46 -11.18
C TRP A 87 -20.26 -8.10 -11.87
N LEU A 88 -19.83 -8.18 -13.13
CA LEU A 88 -19.41 -6.97 -13.88
C LEU A 88 -20.60 -6.05 -14.18
N ASN A 89 -21.78 -6.64 -14.33
CA ASN A 89 -23.01 -5.88 -14.55
C ASN A 89 -23.62 -5.28 -13.30
N GLY A 90 -22.97 -5.50 -12.15
CA GLY A 90 -23.36 -4.88 -10.90
C GLY A 90 -24.45 -5.58 -10.08
N LYS A 91 -24.67 -6.86 -10.30
CA LYS A 91 -25.64 -7.59 -9.47
C LYS A 91 -25.19 -7.54 -8.00
N GLU A 92 -26.16 -7.58 -7.08
CA GLU A 92 -25.88 -7.51 -5.64
C GLU A 92 -26.00 -8.88 -5.02
N TYR A 93 -25.01 -9.19 -4.19
CA TYR A 93 -24.88 -10.50 -3.56
C TYR A 93 -25.08 -10.32 -2.07
N LYS A 94 -26.13 -10.95 -1.54
CA LYS A 94 -26.45 -10.85 -0.13
C LYS A 94 -26.22 -12.19 0.57
N CYS A 95 -25.47 -12.15 1.68
CA CYS A 95 -25.31 -13.31 2.55
C CYS A 95 -26.08 -13.02 3.83
N LYS A 96 -27.04 -13.87 4.17
CA LYS A 96 -27.81 -13.67 5.37
C LYS A 96 -27.51 -14.81 6.30
N VAL A 97 -27.07 -14.46 7.50
CA VAL A 97 -26.65 -15.49 8.48
C VAL A 97 -27.64 -15.56 9.64
N SER A 98 -28.04 -16.78 9.98
CA SER A 98 -28.98 -16.98 11.09
C SER A 98 -28.66 -18.27 11.85
N ASN A 99 -29.36 -18.49 12.97
CA ASN A 99 -29.31 -19.76 13.70
C ASN A 99 -30.63 -20.51 13.54
N LYS A 100 -30.53 -21.81 13.29
CA LYS A 100 -31.69 -22.68 13.13
C LYS A 100 -32.72 -22.45 14.25
N GLY A 101 -33.94 -22.11 13.84
CA GLY A 101 -35.09 -21.97 14.75
C GLY A 101 -35.22 -20.62 15.45
N LEU A 102 -34.34 -19.70 15.11
CA LEU A 102 -34.37 -18.35 15.68
C LEU A 102 -34.63 -17.36 14.55
N PRO A 103 -35.49 -16.34 14.81
CA PRO A 103 -35.96 -15.42 13.76
C PRO A 103 -34.97 -14.30 13.36
N SER A 104 -34.07 -13.94 14.26
CA SER A 104 -33.09 -12.87 14.05
C SER A 104 -32.02 -13.29 13.01
N SER A 105 -31.44 -12.30 12.34
CA SER A 105 -30.36 -12.58 11.37
C SER A 105 -29.41 -11.40 11.21
N ILE A 106 -28.25 -11.68 10.62
CA ILE A 106 -27.29 -10.64 10.24
C ILE A 106 -27.07 -10.79 8.74
N GLU A 107 -27.19 -9.69 8.02
CA GLU A 107 -26.97 -9.76 6.57
C GLU A 107 -25.94 -8.76 6.09
N LYS A 108 -25.21 -9.15 5.04
CA LYS A 108 -24.25 -8.28 4.41
C LYS A 108 -24.49 -8.33 2.90
N THR A 109 -24.26 -7.22 2.22
CA THR A 109 -24.49 -7.17 0.79
C THR A 109 -23.23 -6.63 0.16
N ILE A 110 -22.86 -7.17 -0.99
CA ILE A 110 -21.69 -6.67 -1.69
C ILE A 110 -21.97 -6.67 -3.19
N SER A 111 -21.31 -5.75 -3.90
CA SER A 111 -21.33 -5.70 -5.35
C SER A 111 -20.05 -5.00 -5.83
N LYS A 112 -19.83 -5.00 -7.14
CA LYS A 112 -18.73 -4.26 -7.76
C LYS A 112 -18.81 -2.80 -7.32
N THR A 113 -17.65 -2.18 -7.16
CA THR A 113 -17.59 -0.76 -6.80
C THR A 113 -18.30 0.07 -7.88
N LYS A 114 -19.18 0.98 -7.44
CA LYS A 114 -19.93 1.86 -8.34
C LYS A 114 -19.10 3.13 -8.63
N GLY A 115 -19.40 3.75 -9.78
CA GLY A 115 -18.69 4.94 -10.24
C GLY A 115 -18.32 4.74 -11.71
N GLN A 116 -18.23 5.84 -12.46
CA GLN A 116 -17.84 5.80 -13.86
C GLN A 116 -16.49 5.10 -13.97
N PRO A 117 -16.43 3.98 -14.73
CA PRO A 117 -15.15 3.31 -14.91
C PRO A 117 -14.25 4.18 -15.77
N ARG A 118 -12.95 4.17 -15.46
CA ARG A 118 -11.97 4.93 -16.21
C ARG A 118 -10.82 4.01 -16.59
N GLU A 119 -10.40 4.10 -17.84
CA GLU A 119 -9.43 3.18 -18.42
C GLU A 119 -8.04 3.48 -17.87
N PRO A 120 -7.29 2.45 -17.40
CA PRO A 120 -5.90 2.72 -17.00
C PRO A 120 -5.01 3.21 -18.16
N GLN A 121 -4.16 4.18 -17.86
CA GLN A 121 -3.08 4.59 -18.77
C GLN A 121 -1.84 3.84 -18.28
N VAL A 122 -1.10 3.22 -19.19
CA VAL A 122 -0.01 2.33 -18.78
C VAL A 122 1.28 2.85 -19.41
N TYR A 123 2.27 3.14 -18.58
CA TYR A 123 3.53 3.70 -19.06
C TYR A 123 4.67 2.86 -18.52
N THR A 124 5.61 2.48 -19.38
CA THR A 124 6.80 1.77 -18.91
C THR A 124 7.98 2.72 -18.83
N LEU A 125 8.76 2.61 -17.75
CA LEU A 125 9.87 3.54 -17.50
C LEU A 125 11.16 2.73 -17.30
N PRO A 126 12.21 3.02 -18.11
CA PRO A 126 13.46 2.27 -17.92
C PRO A 126 14.18 2.65 -16.61
N PRO A 127 15.27 1.92 -16.28
CA PRO A 127 16.04 2.24 -15.08
C PRO A 127 16.71 3.60 -15.21
N SER A 128 16.88 4.28 -14.09
CA SER A 128 17.65 5.51 -14.06
C SER A 128 19.11 5.21 -14.48
N ARG A 129 19.77 6.17 -15.13
CA ARG A 129 21.18 6.00 -15.48
C ARG A 129 22.03 5.69 -14.23
N GLU A 130 21.68 6.31 -13.11
CA GLU A 130 22.35 6.11 -11.83
C GLU A 130 22.22 4.69 -11.24
N GLU A 131 21.17 3.96 -11.63
CA GLU A 131 21.01 2.59 -11.15
C GLU A 131 21.93 1.60 -11.89
N MET A 132 22.44 2.01 -13.06
CA MET A 132 23.28 1.13 -13.88
C MET A 132 24.64 0.75 -13.27
N THR A 133 24.92 1.23 -12.07
CA THR A 133 26.12 0.88 -11.31
C THR A 133 25.88 -0.33 -10.40
N LYS A 134 24.66 -0.87 -10.44
CA LYS A 134 24.28 -2.02 -9.62
C LYS A 134 24.25 -3.29 -10.47
N ASN A 135 24.22 -4.46 -9.81
CA ASN A 135 24.14 -5.76 -10.49
C ASN A 135 22.74 -6.06 -11.02
N GLN A 136 21.74 -5.48 -10.35
CA GLN A 136 20.35 -5.59 -10.77
C GLN A 136 19.74 -4.19 -10.96
N VAL A 137 18.82 -4.06 -11.92
CA VAL A 137 18.19 -2.77 -12.25
C VAL A 137 16.66 -2.88 -12.14
N SER A 138 16.00 -1.73 -12.07
CA SER A 138 14.54 -1.68 -11.82
C SER A 138 13.84 -1.23 -13.10
N LEU A 139 12.88 -2.03 -13.56
CA LEU A 139 12.00 -1.66 -14.68
C LEU A 139 10.63 -1.32 -14.09
N THR A 140 10.11 -0.17 -14.47
CA THR A 140 8.94 0.41 -13.80
C THR A 140 7.73 0.43 -14.73
N CYS A 141 6.58 0.01 -14.21
CA CYS A 141 5.34 0.15 -14.95
C CYS A 141 4.45 1.06 -14.15
N LEU A 142 4.17 2.24 -14.70
CA LEU A 142 3.23 3.16 -14.04
C LEU A 142 1.86 2.88 -14.62
N VAL A 143 0.89 2.63 -13.73
CA VAL A 143 -0.49 2.48 -14.16
C VAL A 143 -1.35 3.52 -13.43
N LYS A 144 -1.96 4.42 -14.20
CA LYS A 144 -2.66 5.56 -13.58
C LYS A 144 -4.00 5.86 -14.21
N GLY A 145 -4.77 6.73 -13.54
CA GLY A 145 -6.02 7.21 -14.06
C GLY A 145 -7.15 6.19 -14.05
N PHE A 146 -7.00 5.10 -13.30
CA PHE A 146 -8.02 4.04 -13.39
C PHE A 146 -9.09 4.10 -12.30
N TYR A 147 -10.26 3.58 -12.65
CA TYR A 147 -11.39 3.43 -11.71
C TYR A 147 -12.31 2.30 -12.23
N PRO A 148 -12.80 1.42 -11.33
CA PRO A 148 -12.46 1.28 -9.91
C PRO A 148 -11.03 0.74 -9.68
N SER A 149 -10.64 0.60 -8.42
CA SER A 149 -9.26 0.21 -8.09
C SER A 149 -8.92 -1.25 -8.43
N ASP A 150 -9.94 -2.06 -8.72
CA ASP A 150 -9.75 -3.47 -9.04
C ASP A 150 -8.95 -3.69 -10.33
N ILE A 151 -7.80 -4.33 -10.20
CA ILE A 151 -6.81 -4.40 -11.30
C ILE A 151 -5.86 -5.58 -11.07
N ALA A 152 -5.27 -6.09 -12.15
CA ALA A 152 -4.19 -7.07 -12.07
C ALA A 152 -3.08 -6.63 -13.00
N VAL A 153 -1.84 -6.77 -12.52
CA VAL A 153 -0.63 -6.35 -13.22
C VAL A 153 0.42 -7.46 -13.15
N GLU A 154 1.01 -7.80 -14.30
CA GLU A 154 2.03 -8.85 -14.36
C GLU A 154 3.11 -8.52 -15.37
N TRP A 155 4.26 -9.18 -15.25
CA TRP A 155 5.36 -8.98 -16.17
C TRP A 155 5.70 -10.26 -16.93
N GLU A 156 6.08 -10.10 -18.20
CA GLU A 156 6.53 -11.20 -19.05
C GLU A 156 7.75 -10.78 -19.88
N SER A 157 8.54 -11.75 -20.33
CA SER A 157 9.57 -11.51 -21.35
C SER A 157 9.78 -12.79 -22.15
N ASN A 158 9.97 -12.66 -23.45
CA ASN A 158 10.28 -13.84 -24.31
C ASN A 158 9.27 -14.96 -24.11
N GLY A 159 7.98 -14.60 -24.06
CA GLY A 159 6.88 -15.54 -23.93
C GLY A 159 6.51 -15.94 -22.50
N GLN A 160 7.44 -15.74 -21.58
CA GLN A 160 7.36 -16.36 -20.26
C GLN A 160 7.09 -15.34 -19.15
N PRO A 161 6.38 -15.77 -18.07
CA PRO A 161 6.19 -14.88 -16.92
C PRO A 161 7.53 -14.55 -16.27
N GLU A 162 7.67 -13.29 -15.85
CA GLU A 162 8.78 -12.83 -15.02
C GLU A 162 8.31 -12.82 -13.58
N ASN A 163 9.03 -13.50 -12.70
CA ASN A 163 8.57 -13.62 -11.31
C ASN A 163 8.94 -12.45 -10.40
N ASN A 164 10.11 -11.86 -10.64
CA ASN A 164 10.75 -10.99 -9.65
C ASN A 164 10.25 -9.53 -9.67
N TYR A 165 8.96 -9.37 -9.43
CA TYR A 165 8.37 -8.03 -9.35
C TYR A 165 7.54 -7.83 -8.10
N LYS A 166 7.36 -6.56 -7.74
CA LYS A 166 6.48 -6.15 -6.65
C LYS A 166 5.62 -5.01 -7.17
N THR A 167 4.34 -5.03 -6.83
CA THR A 167 3.38 -4.05 -7.31
C THR A 167 2.74 -3.40 -6.09
N THR A 168 2.72 -2.07 -6.06
CA THR A 168 2.09 -1.35 -4.96
C THR A 168 0.57 -1.54 -5.07
N PRO A 169 -0.14 -1.57 -3.92
CA PRO A 169 -1.61 -1.50 -3.92
C PRO A 169 -2.08 -0.19 -4.59
N PRO A 170 -3.21 -0.23 -5.29
CA PRO A 170 -3.77 0.97 -5.88
C PRO A 170 -3.88 2.07 -4.82
N MET A 171 -3.56 3.29 -5.21
CA MET A 171 -3.66 4.41 -4.28
C MET A 171 -4.52 5.48 -4.90
N LEU A 172 -5.38 6.11 -4.09
CA LEU A 172 -6.21 7.21 -4.59
C LEU A 172 -5.33 8.42 -4.98
N ASP A 173 -5.53 8.88 -6.22
CA ASP A 173 -4.88 10.07 -6.75
C ASP A 173 -5.73 11.30 -6.46
N SER A 174 -5.17 12.48 -6.70
CA SER A 174 -5.84 13.74 -6.38
C SER A 174 -7.16 13.96 -7.13
N ASP A 175 -7.37 13.22 -8.23
CA ASP A 175 -8.59 13.37 -9.06
C ASP A 175 -9.67 12.28 -8.89
N GLY A 176 -9.56 11.49 -7.83
CA GLY A 176 -10.54 10.44 -7.57
C GLY A 176 -10.30 9.12 -8.30
N SER A 177 -9.30 9.10 -9.19
CA SER A 177 -8.86 7.86 -9.85
C SER A 177 -7.73 7.24 -9.02
N PHE A 178 -7.28 6.06 -9.45
CA PHE A 178 -6.26 5.32 -8.74
C PHE A 178 -5.00 5.23 -9.57
N PHE A 179 -3.86 5.08 -8.90
CA PHE A 179 -2.63 4.73 -9.59
C PHE A 179 -1.85 3.66 -8.82
N LEU A 180 -0.96 2.97 -9.53
CA LEU A 180 0.03 2.13 -8.87
C LEU A 180 1.32 2.11 -9.68
N TYR A 181 2.36 1.52 -9.10
CA TYR A 181 3.57 1.21 -9.80
C TYR A 181 3.91 -0.28 -9.60
N SER A 182 4.37 -0.92 -10.67
CA SER A 182 4.94 -2.25 -10.57
C SER A 182 6.42 -2.17 -10.91
N LYS A 183 7.24 -2.77 -10.04
CA LYS A 183 8.68 -2.73 -10.18
C LYS A 183 9.22 -4.13 -10.44
N LEU A 184 9.82 -4.32 -11.61
CA LEU A 184 10.42 -5.61 -11.97
C LEU A 184 11.94 -5.51 -11.85
N THR A 185 12.53 -6.39 -11.03
CA THR A 185 13.98 -6.39 -10.85
C THR A 185 14.60 -7.44 -11.78
N VAL A 186 15.55 -7.01 -12.60
CA VAL A 186 16.22 -7.90 -13.55
C VAL A 186 17.72 -7.69 -13.45
N ASP A 187 18.49 -8.76 -13.73
CA ASP A 187 19.96 -8.65 -13.82
C ASP A 187 20.29 -7.62 -14.88
N LYS A 188 21.21 -6.71 -14.56
CA LYS A 188 21.61 -5.66 -15.51
C LYS A 188 22.01 -6.20 -16.88
N SER A 189 22.68 -7.37 -16.91
CA SER A 189 23.09 -7.96 -18.17
C SER A 189 21.89 -8.27 -19.07
N ARG A 190 20.78 -8.74 -18.47
CA ARG A 190 19.57 -9.03 -19.23
C ARG A 190 19.01 -7.77 -19.89
N TRP A 191 18.94 -6.68 -19.13
CA TRP A 191 18.55 -5.38 -19.66
C TRP A 191 19.50 -4.88 -20.76
N GLN A 192 20.80 -4.92 -20.47
CA GLN A 192 21.82 -4.40 -21.39
C GLN A 192 21.90 -5.12 -22.73
N GLN A 193 21.56 -6.42 -22.75
CA GLN A 193 21.62 -7.20 -24.00
C GLN A 193 20.38 -7.09 -24.90
N GLY A 194 19.46 -6.18 -24.56
CA GLY A 194 18.35 -5.82 -25.47
C GLY A 194 17.05 -6.60 -25.33
N ASN A 195 16.94 -7.44 -24.30
CA ASN A 195 15.71 -8.20 -24.04
C ASN A 195 14.50 -7.29 -23.84
N VAL A 196 13.39 -7.68 -24.43
CA VAL A 196 12.14 -6.91 -24.34
C VAL A 196 11.32 -7.40 -23.14
N PHE A 197 10.83 -6.45 -22.33
CA PHE A 197 10.03 -6.79 -21.15
C PHE A 197 8.65 -6.19 -21.32
N SER A 198 7.64 -6.88 -20.81
CA SER A 198 6.27 -6.46 -21.03
C SER A 198 5.49 -6.39 -19.74
N CYS A 199 4.84 -5.26 -19.53
CA CYS A 199 3.96 -5.06 -18.38
C CYS A 199 2.52 -5.24 -18.86
N SER A 200 1.83 -6.25 -18.29
CA SER A 200 0.45 -6.63 -18.67
C SER A 200 -0.52 -6.15 -17.62
N VAL A 201 -1.65 -5.59 -18.08
CA VAL A 201 -2.63 -4.98 -17.17
C VAL A 201 -4.05 -5.47 -17.50
N MET A 202 -4.75 -5.89 -16.47
CA MET A 202 -6.14 -6.33 -16.61
C MET A 202 -7.03 -5.41 -15.82
N HIS A 203 -8.07 -4.88 -16.48
CA HIS A 203 -8.97 -3.94 -15.86
C HIS A 203 -10.26 -3.91 -16.66
N GLU A 204 -11.39 -3.72 -15.98
CA GLU A 204 -12.69 -3.76 -16.64
C GLU A 204 -12.87 -2.70 -17.74
N ALA A 205 -12.17 -1.57 -17.61
CA ALA A 205 -12.38 -0.42 -18.51
C ALA A 205 -11.44 -0.44 -19.70
N LEU A 206 -10.64 -1.50 -19.80
CA LEU A 206 -9.83 -1.75 -21.00
C LEU A 206 -10.60 -2.57 -22.02
N HIS A 207 -10.37 -2.26 -23.30
CA HIS A 207 -10.88 -3.12 -24.37
C HIS A 207 -10.28 -4.51 -24.16
N ASN A 208 -11.14 -5.53 -24.28
CA ASN A 208 -10.78 -6.93 -23.99
C ASN A 208 -10.32 -7.18 -22.55
N HIS A 209 -10.51 -6.19 -21.65
CA HIS A 209 -10.06 -6.26 -20.25
C HIS A 209 -8.53 -6.48 -20.16
N TYR A 210 -7.82 -6.10 -21.22
CA TYR A 210 -6.39 -6.41 -21.29
C TYR A 210 -5.60 -5.38 -22.10
N THR A 211 -4.45 -4.97 -21.57
CA THR A 211 -3.47 -4.25 -22.38
C THR A 211 -2.05 -4.69 -21.98
N GLN A 212 -1.08 -4.49 -22.88
CA GLN A 212 0.33 -4.77 -22.60
C GLN A 212 1.20 -3.62 -23.14
N LYS A 213 2.21 -3.23 -22.38
CA LYS A 213 3.19 -2.25 -22.85
C LYS A 213 4.58 -2.84 -22.68
N SER A 214 5.40 -2.68 -23.71
CA SER A 214 6.73 -3.27 -23.70
C SER A 214 7.82 -2.24 -23.42
N LEU A 215 8.98 -2.71 -23.01
CA LEU A 215 10.16 -1.87 -23.00
C LEU A 215 11.47 -2.65 -23.04
N SER A 216 12.44 -2.04 -23.69
CA SER A 216 13.76 -2.60 -23.86
C SER A 216 14.75 -1.44 -24.03
N LEU A 217 16.03 -1.74 -23.93
CA LEU A 217 17.08 -0.72 -24.10
C LEU A 217 17.04 -0.12 -25.50
N SER A 218 16.85 1.20 -25.56
CA SER A 218 16.88 1.95 -26.82
C SER A 218 16.85 3.45 -26.54
N SER B 13 -6.79 1.84 30.39
CA SER B 13 -5.78 1.43 29.37
C SER B 13 -4.76 2.54 29.06
N VAL B 14 -3.55 2.11 28.66
CA VAL B 14 -2.43 3.02 28.39
C VAL B 14 -1.92 2.78 26.97
N PHE B 15 -1.60 3.86 26.26
CA PHE B 15 -0.97 3.74 24.95
C PHE B 15 0.24 4.67 24.81
N LEU B 16 1.31 4.13 24.24
CA LEU B 16 2.58 4.85 24.12
C LEU B 16 2.99 4.97 22.65
N PHE B 17 3.20 6.21 22.21
CA PHE B 17 3.49 6.49 20.82
C PHE B 17 4.92 7.04 20.62
N PRO B 18 5.58 6.64 19.51
CA PRO B 18 6.95 7.04 19.18
C PRO B 18 6.98 8.49 18.66
N PRO B 19 8.19 9.07 18.51
CA PRO B 19 8.23 10.37 17.82
C PRO B 19 7.88 10.22 16.35
N LYS B 20 7.49 11.34 15.75
CA LYS B 20 7.36 11.43 14.30
C LYS B 20 8.74 11.28 13.68
N PRO B 21 8.87 10.43 12.63
CA PRO B 21 10.13 10.18 11.93
C PRO B 21 10.95 11.43 11.65
N LYS B 22 10.33 12.47 11.08
CA LYS B 22 11.04 13.70 10.72
C LYS B 22 11.67 14.39 11.93
N ASP B 23 10.95 14.37 13.06
CA ASP B 23 11.42 15.01 14.29
C ASP B 23 12.72 14.36 14.78
N THR B 24 12.88 13.05 14.54
CA THR B 24 14.07 12.31 14.97
C THR B 24 15.27 12.53 14.05
N LEU B 25 15.02 12.99 12.83
CA LEU B 25 16.05 13.05 11.79
C LEU B 25 16.66 14.43 11.56
N MET B 26 15.88 15.47 11.86
CA MET B 26 16.30 16.87 11.67
C MET B 26 16.59 17.51 13.01
N ILE B 27 17.80 18.06 13.17
CA ILE B 27 18.25 18.57 14.45
C ILE B 27 17.48 19.83 14.91
N SER B 28 16.91 20.55 13.94
CA SER B 28 16.05 21.71 14.20
C SER B 28 14.71 21.37 14.85
N ARG B 29 14.29 20.11 14.75
CA ARG B 29 13.02 19.63 15.30
C ARG B 29 13.19 18.91 16.63
N THR B 30 12.09 18.82 17.38
CA THR B 30 12.13 18.22 18.69
C THR B 30 11.27 16.95 18.79
N PRO B 31 11.93 15.77 18.77
CA PRO B 31 11.16 14.52 18.83
C PRO B 31 10.59 14.34 20.24
N GLU B 32 9.43 13.70 20.35
CA GLU B 32 8.79 13.45 21.64
C GLU B 32 8.13 12.08 21.64
N VAL B 33 8.11 11.44 22.79
CA VAL B 33 7.33 10.22 23.01
C VAL B 33 6.05 10.60 23.77
N THR B 34 4.91 10.03 23.40
CA THR B 34 3.62 10.43 24.00
C THR B 34 2.91 9.29 24.74
N CYS B 35 2.66 9.50 26.02
CA CYS B 35 1.92 8.52 26.84
C CYS B 35 0.47 8.97 27.04
N VAL B 36 -0.47 8.15 26.57
CA VAL B 36 -1.89 8.50 26.63
C VAL B 36 -2.68 7.49 27.48
N VAL B 37 -3.40 8.01 28.47
CA VAL B 37 -4.26 7.20 29.33
C VAL B 37 -5.73 7.48 29.01
N VAL B 38 -6.39 6.49 28.42
CA VAL B 38 -7.82 6.57 28.11
C VAL B 38 -8.63 5.65 29.02
N GLN B 48 -0.99 10.45 37.08
CA GLN B 48 0.40 10.36 37.56
C GLN B 48 1.27 9.50 36.64
N PHE B 49 2.42 10.03 36.25
CA PHE B 49 3.31 9.34 35.31
C PHE B 49 4.72 9.13 35.86
N ASN B 50 5.31 7.98 35.55
CA ASN B 50 6.73 7.74 35.79
C ASN B 50 7.40 7.36 34.48
N TRP B 51 8.41 8.12 34.08
CA TRP B 51 9.12 7.87 32.81
C TRP B 51 10.52 7.31 33.04
N TYR B 52 10.90 6.33 32.22
CA TYR B 52 12.23 5.73 32.28
C TYR B 52 12.87 5.70 30.89
N VAL B 53 14.16 6.02 30.84
CA VAL B 53 14.98 5.81 29.65
C VAL B 53 16.07 4.82 30.04
N ASP B 54 16.08 3.67 29.37
CA ASP B 54 16.97 2.57 29.71
C ASP B 54 16.90 2.23 31.21
N GLY B 55 15.67 2.11 31.72
CA GLY B 55 15.42 1.75 33.11
C GLY B 55 15.79 2.79 34.16
N VAL B 56 16.30 3.93 33.72
CA VAL B 56 16.67 5.03 34.62
C VAL B 56 15.58 6.10 34.58
N GLU B 57 15.12 6.52 35.75
CA GLU B 57 14.01 7.48 35.83
C GLU B 57 14.41 8.89 35.42
N VAL B 58 13.55 9.52 34.63
CA VAL B 58 13.73 10.92 34.20
C VAL B 58 12.51 11.75 34.62
N HIS B 59 12.71 13.04 34.86
CA HIS B 59 11.71 13.88 35.53
C HIS B 59 11.34 15.15 34.77
N ASN B 60 11.60 15.16 33.45
CA ASN B 60 11.38 16.36 32.64
C ASN B 60 10.12 16.33 31.76
N ALA B 61 9.29 15.30 31.92
CA ALA B 61 8.07 15.17 31.10
C ALA B 61 7.06 16.28 31.41
N LYS B 62 6.21 16.59 30.43
CA LYS B 62 5.15 17.59 30.60
C LYS B 62 3.78 16.95 30.48
N THR B 63 2.98 17.10 31.54
CA THR B 63 1.67 16.45 31.62
C THR B 63 0.53 17.49 31.58
N LYS B 64 -0.33 17.38 30.56
CA LYS B 64 -1.51 18.23 30.42
C LYS B 64 -2.65 17.75 31.33
N PRO B 65 -3.41 18.68 31.95
CA PRO B 65 -4.40 18.34 32.99
C PRO B 65 -5.44 17.30 32.58
N PHE B 74 -12.58 10.97 30.60
CA PHE B 74 -11.31 11.64 30.87
C PHE B 74 -10.15 11.05 30.05
N ARG B 75 -9.39 11.95 29.42
CA ARG B 75 -8.16 11.60 28.70
C ARG B 75 -7.00 12.37 29.33
N VAL B 76 -5.93 11.66 29.70
CA VAL B 76 -4.71 12.26 30.24
C VAL B 76 -3.53 11.98 29.31
N VAL B 77 -2.78 13.02 28.96
CA VAL B 77 -1.63 12.92 28.07
C VAL B 77 -0.34 13.39 28.76
N SER B 78 0.73 12.58 28.68
CA SER B 78 2.07 12.99 29.14
C SER B 78 3.08 12.88 28.01
N VAL B 79 3.86 13.93 27.81
CA VAL B 79 4.78 14.03 26.68
C VAL B 79 6.22 14.16 27.18
N LEU B 80 7.09 13.26 26.72
CA LEU B 80 8.53 13.31 27.04
C LEU B 80 9.36 13.65 25.78
N THR B 81 10.06 14.77 25.82
CA THR B 81 11.02 15.15 24.77
C THR B 81 12.17 14.15 24.82
N VAL B 82 12.56 13.61 23.67
CA VAL B 82 13.67 12.67 23.62
C VAL B 82 14.85 13.28 22.87
N LEU B 83 16.07 12.87 23.19
CA LEU B 83 17.22 13.35 22.41
C LEU B 83 17.24 12.56 21.12
N HIS B 84 17.59 13.23 20.01
CA HIS B 84 17.64 12.60 18.69
C HIS B 84 18.49 11.34 18.70
N GLN B 85 19.68 11.47 19.30
CA GLN B 85 20.67 10.39 19.28
C GLN B 85 20.24 9.23 20.17
N ASP B 86 19.56 9.54 21.28
CA ASP B 86 19.04 8.51 22.20
C ASP B 86 18.04 7.63 21.47
N TRP B 87 17.07 8.26 20.78
CA TRP B 87 16.06 7.52 20.02
C TRP B 87 16.68 6.70 18.89
N LEU B 88 17.51 7.34 18.06
CA LEU B 88 18.08 6.64 16.93
C LEU B 88 19.01 5.51 17.39
N ASN B 89 19.60 5.65 18.56
CA ASN B 89 20.51 4.62 19.11
C ASN B 89 19.84 3.50 19.92
N GLY B 90 18.51 3.43 19.81
CA GLY B 90 17.75 2.31 20.34
C GLY B 90 17.44 2.30 21.83
N LYS B 91 17.64 3.44 22.50
CA LYS B 91 17.24 3.54 23.92
C LYS B 91 15.75 3.23 24.08
N GLU B 92 15.41 2.62 25.22
CA GLU B 92 14.03 2.20 25.49
C GLU B 92 13.32 3.19 26.40
N TYR B 93 12.10 3.55 25.99
CA TYR B 93 11.27 4.52 26.71
C TYR B 93 10.08 3.85 27.38
N LYS B 94 10.07 3.91 28.71
CA LYS B 94 9.02 3.27 29.49
C LYS B 94 8.15 4.30 30.18
N CYS B 95 6.84 4.18 29.95
CA CYS B 95 5.84 4.98 30.64
C CYS B 95 5.10 4.10 31.65
N LYS B 96 5.11 4.53 32.91
CA LYS B 96 4.42 3.82 33.99
C LYS B 96 3.32 4.71 34.55
N VAL B 97 2.07 4.25 34.41
CA VAL B 97 0.91 5.00 34.91
C VAL B 97 0.48 4.43 36.26
N SER B 98 0.29 5.32 37.24
CA SER B 98 -0.17 4.96 38.58
C SER B 98 -1.49 5.65 38.90
N ILE B 106 0.05 0.15 35.24
CA ILE B 106 0.23 -0.32 33.87
C ILE B 106 1.46 0.31 33.21
N GLU B 107 2.22 -0.53 32.49
CA GLU B 107 3.49 -0.11 31.89
C GLU B 107 3.53 -0.40 30.39
N LYS B 108 4.08 0.56 29.63
CA LYS B 108 4.34 0.38 28.21
C LYS B 108 5.80 0.75 27.91
N THR B 109 6.39 0.05 26.94
CA THR B 109 7.77 0.31 26.51
C THR B 109 7.81 0.44 24.99
N ILE B 110 8.53 1.46 24.51
CA ILE B 110 8.74 1.65 23.07
C ILE B 110 10.21 1.95 22.79
N SER B 111 10.65 1.64 21.57
CA SER B 111 11.95 2.02 21.07
C SER B 111 11.89 1.99 19.54
N LYS B 112 12.93 2.51 18.90
CA LYS B 112 13.01 2.49 17.44
C LYS B 112 12.95 1.05 16.94
N THR B 113 12.36 0.88 15.75
CA THR B 113 12.38 -0.39 15.02
C THR B 113 13.82 -0.92 14.95
N LYS B 114 13.99 -2.20 15.25
CA LYS B 114 15.33 -2.81 15.23
C LYS B 114 15.66 -3.44 13.87
N GLY B 115 16.96 -3.59 13.61
CA GLY B 115 17.47 -4.13 12.36
C GLY B 115 18.51 -3.18 11.80
N GLN B 116 19.50 -3.71 11.10
CA GLN B 116 20.56 -2.94 10.48
C GLN B 116 19.97 -1.88 9.52
N PRO B 117 20.21 -0.58 9.80
CA PRO B 117 19.78 0.45 8.83
C PRO B 117 20.43 0.25 7.46
N ARG B 118 19.67 0.51 6.39
CA ARG B 118 20.19 0.46 5.02
C ARG B 118 19.82 1.74 4.26
N GLU B 119 20.77 2.26 3.50
CA GLU B 119 20.66 3.57 2.85
C GLU B 119 19.66 3.54 1.70
N PRO B 120 18.71 4.49 1.67
CA PRO B 120 17.84 4.60 0.48
C PRO B 120 18.64 4.91 -0.78
N GLN B 121 18.38 4.15 -1.84
CA GLN B 121 18.84 4.50 -3.19
C GLN B 121 17.70 5.30 -3.86
N VAL B 122 18.02 6.50 -4.33
CA VAL B 122 16.99 7.42 -4.84
C VAL B 122 17.23 7.68 -6.32
N TYR B 123 16.22 7.38 -7.12
CA TYR B 123 16.29 7.51 -8.59
C TYR B 123 15.10 8.28 -9.12
N THR B 124 15.37 9.27 -9.96
CA THR B 124 14.30 10.05 -10.59
C THR B 124 14.09 9.53 -12.00
N LEU B 125 12.83 9.34 -12.39
CA LEU B 125 12.50 8.77 -13.70
C LEU B 125 11.58 9.74 -14.45
N PRO B 126 11.98 10.17 -15.66
CA PRO B 126 11.18 11.14 -16.41
C PRO B 126 9.86 10.50 -16.90
N PRO B 127 8.90 11.33 -17.32
CA PRO B 127 7.67 10.78 -17.89
C PRO B 127 7.97 10.04 -19.17
N SER B 128 7.17 9.01 -19.44
CA SER B 128 7.20 8.31 -20.70
C SER B 128 6.85 9.27 -21.86
N ARG B 129 7.52 9.10 -23.01
CA ARG B 129 7.13 9.80 -24.25
C ARG B 129 5.64 9.61 -24.58
N GLU B 130 5.10 8.43 -24.26
CA GLU B 130 3.67 8.14 -24.52
C GLU B 130 2.72 9.00 -23.71
N GLU B 131 3.19 9.48 -22.55
CA GLU B 131 2.38 10.36 -21.70
C GLU B 131 2.25 11.80 -22.25
N MET B 132 3.09 12.13 -23.23
CA MET B 132 3.09 13.47 -23.83
C MET B 132 1.87 13.81 -24.69
N THR B 133 0.99 12.86 -24.93
CA THR B 133 -0.32 13.17 -25.54
C THR B 133 -1.28 13.80 -24.53
N LYS B 134 -0.88 13.85 -23.26
CA LYS B 134 -1.76 14.38 -22.20
C LYS B 134 -1.38 15.82 -21.82
N ASN B 135 -2.26 16.50 -21.10
CA ASN B 135 -2.01 17.86 -20.64
C ASN B 135 -1.16 17.93 -19.37
N GLN B 136 -1.11 16.80 -18.65
CA GLN B 136 -0.26 16.67 -17.47
C GLN B 136 0.56 15.40 -17.59
N VAL B 137 1.76 15.44 -17.02
CA VAL B 137 2.72 14.34 -17.08
C VAL B 137 3.21 13.95 -15.70
N SER B 138 3.73 12.73 -15.60
CA SER B 138 4.10 12.15 -14.31
C SER B 138 5.60 12.12 -14.15
N LEU B 139 6.09 12.72 -13.06
CA LEU B 139 7.53 12.65 -12.76
C LEU B 139 7.68 11.69 -11.59
N THR B 140 8.56 10.72 -11.75
CA THR B 140 8.65 9.60 -10.78
C THR B 140 9.93 9.59 -9.95
N CYS B 141 9.76 9.40 -8.63
CA CYS B 141 10.88 9.21 -7.74
C CYS B 141 10.77 7.79 -7.14
N LEU B 142 11.72 6.95 -7.52
CA LEU B 142 11.86 5.60 -6.97
C LEU B 142 12.85 5.66 -5.80
N VAL B 143 12.45 5.12 -4.66
CA VAL B 143 13.29 5.08 -3.47
C VAL B 143 13.26 3.64 -3.02
N LYS B 144 14.42 2.99 -2.99
CA LYS B 144 14.48 1.56 -2.71
C LYS B 144 15.66 1.18 -1.85
N GLY B 145 15.62 -0.03 -1.30
CA GLY B 145 16.73 -0.60 -0.56
C GLY B 145 16.91 -0.05 0.84
N PHE B 146 15.89 0.62 1.38
CA PHE B 146 16.00 1.28 2.71
C PHE B 146 15.43 0.48 3.87
N TYR B 147 16.02 0.72 5.04
CA TYR B 147 15.58 0.11 6.30
C TYR B 147 16.03 1.02 7.45
N PRO B 148 15.16 1.25 8.44
CA PRO B 148 13.78 0.79 8.54
C PRO B 148 12.88 1.54 7.55
N SER B 149 11.57 1.30 7.62
CA SER B 149 10.63 1.87 6.67
C SER B 149 10.32 3.35 6.92
N ASP B 150 10.79 3.89 8.04
CA ASP B 150 10.53 5.29 8.44
C ASP B 150 11.26 6.23 7.49
N ILE B 151 10.50 7.04 6.76
CA ILE B 151 11.04 7.85 5.66
C ILE B 151 10.07 9.01 5.32
N ALA B 152 10.63 10.09 4.78
CA ALA B 152 9.81 11.20 4.29
C ALA B 152 10.31 11.61 2.92
N VAL B 153 9.37 11.77 1.98
CA VAL B 153 9.70 12.11 0.60
C VAL B 153 8.84 13.32 0.20
N GLU B 154 9.46 14.29 -0.46
CA GLU B 154 8.74 15.47 -0.93
C GLU B 154 9.23 15.83 -2.32
N TRP B 155 8.37 16.50 -3.07
CA TRP B 155 8.78 17.01 -4.39
C TRP B 155 8.75 18.51 -4.31
N GLU B 156 9.67 19.16 -5.03
CA GLU B 156 9.75 20.62 -5.08
C GLU B 156 10.29 21.13 -6.42
N SER B 157 10.19 22.43 -6.64
CA SER B 157 10.82 23.08 -7.79
C SER B 157 11.05 24.54 -7.37
N ASN B 158 12.18 25.12 -7.73
CA ASN B 158 12.51 26.49 -7.26
C ASN B 158 12.45 26.63 -5.73
N GLY B 159 12.83 25.56 -5.01
CA GLY B 159 12.83 25.57 -3.54
C GLY B 159 11.48 25.63 -2.86
N GLN B 160 10.42 25.51 -3.68
CA GLN B 160 9.02 25.56 -3.24
C GLN B 160 8.37 24.19 -3.40
N PRO B 161 7.61 23.73 -2.38
CA PRO B 161 6.90 22.46 -2.47
C PRO B 161 5.93 22.42 -3.65
N GLU B 162 5.93 21.32 -4.39
CA GLU B 162 4.92 21.04 -5.42
C GLU B 162 3.58 20.61 -4.83
N ASN B 163 2.51 21.12 -5.43
CA ASN B 163 1.15 20.95 -4.92
C ASN B 163 0.57 19.55 -5.21
N ASN B 164 0.97 18.96 -6.33
CA ASN B 164 0.27 17.77 -6.80
C ASN B 164 1.18 16.55 -6.87
N TYR B 165 1.38 15.91 -5.71
CA TYR B 165 2.12 14.63 -5.70
C TYR B 165 1.54 13.68 -4.65
N LYS B 166 1.80 12.40 -4.85
CA LYS B 166 1.33 11.34 -3.95
C LYS B 166 2.43 10.32 -3.86
N THR B 167 2.59 9.74 -2.68
CA THR B 167 3.67 8.80 -2.42
C THR B 167 3.05 7.50 -1.91
N THR B 168 3.49 6.37 -2.47
CA THR B 168 3.05 5.06 -2.00
C THR B 168 3.64 4.75 -0.62
N PRO B 169 2.89 4.08 0.27
CA PRO B 169 3.50 3.65 1.53
C PRO B 169 4.70 2.73 1.25
N PRO B 170 5.72 2.72 2.14
CA PRO B 170 6.81 1.77 1.87
C PRO B 170 6.26 0.34 1.77
N MET B 171 6.91 -0.45 0.93
CA MET B 171 6.51 -1.82 0.67
C MET B 171 7.76 -2.70 0.77
N LEU B 172 7.59 -3.90 1.33
CA LEU B 172 8.66 -4.85 1.51
C LEU B 172 9.10 -5.46 0.16
N ASP B 173 10.39 -5.33 -0.15
CA ASP B 173 10.98 -5.96 -1.33
C ASP B 173 11.53 -7.36 -0.92
N SER B 174 11.96 -8.14 -1.92
CA SER B 174 12.47 -9.52 -1.73
C SER B 174 13.53 -9.68 -0.63
N ASP B 175 14.44 -8.71 -0.50
CA ASP B 175 15.58 -8.80 0.43
C ASP B 175 15.33 -8.25 1.85
N GLY B 176 14.06 -8.05 2.21
CA GLY B 176 13.71 -7.53 3.53
C GLY B 176 13.90 -6.03 3.70
N SER B 177 14.36 -5.35 2.65
CA SER B 177 14.39 -3.88 2.61
C SER B 177 13.09 -3.33 2.01
N PHE B 178 12.92 -2.00 2.02
CA PHE B 178 11.67 -1.37 1.57
C PHE B 178 11.87 -0.54 0.29
N PHE B 179 10.81 -0.43 -0.51
CA PHE B 179 10.78 0.55 -1.60
C PHE B 179 9.45 1.33 -1.62
N LEU B 180 9.49 2.43 -2.36
CA LEU B 180 8.30 3.20 -2.61
C LEU B 180 8.51 4.00 -3.88
N TYR B 181 7.41 4.55 -4.38
CA TYR B 181 7.47 5.51 -5.47
C TYR B 181 6.68 6.77 -5.07
N SER B 182 7.20 7.93 -5.44
CA SER B 182 6.47 9.19 -5.33
C SER B 182 6.22 9.72 -6.72
N LYS B 183 4.96 10.01 -7.01
CA LYS B 183 4.54 10.48 -8.33
C LYS B 183 4.16 11.96 -8.25
N LEU B 184 4.91 12.79 -8.97
CA LEU B 184 4.62 14.20 -9.09
C LEU B 184 3.91 14.47 -10.42
N THR B 185 2.77 15.15 -10.36
CA THR B 185 2.06 15.53 -11.57
C THR B 185 2.28 17.03 -11.86
N VAL B 186 2.68 17.35 -13.08
CA VAL B 186 2.86 18.76 -13.50
C VAL B 186 2.22 19.02 -14.87
N ASP B 187 1.77 20.25 -15.09
CA ASP B 187 1.39 20.67 -16.45
C ASP B 187 2.51 20.32 -17.41
N LYS B 188 2.15 19.69 -18.53
CA LYS B 188 3.16 19.27 -19.52
C LYS B 188 4.10 20.42 -19.94
N SER B 189 3.56 21.63 -20.05
CA SER B 189 4.36 22.81 -20.43
C SER B 189 5.58 23.03 -19.50
N ARG B 190 5.41 22.82 -18.20
CA ARG B 190 6.48 23.03 -17.21
C ARG B 190 7.61 22.04 -17.42
N TRP B 191 7.25 20.81 -17.79
CA TRP B 191 8.24 19.80 -18.14
C TRP B 191 8.98 20.17 -19.46
N GLN B 192 8.20 20.46 -20.51
CA GLN B 192 8.76 20.67 -21.87
C GLN B 192 9.68 21.91 -21.96
N GLN B 193 9.44 22.89 -21.09
CA GLN B 193 10.22 24.13 -21.01
C GLN B 193 11.47 24.02 -20.12
N GLY B 194 11.78 22.82 -19.65
CA GLY B 194 13.06 22.55 -19.00
C GLY B 194 13.17 22.88 -17.53
N ASN B 195 12.03 23.15 -16.88
CA ASN B 195 11.99 23.37 -15.44
C ASN B 195 12.60 22.21 -14.68
N VAL B 196 13.30 22.55 -13.60
CA VAL B 196 13.99 21.56 -12.77
C VAL B 196 13.15 21.24 -11.54
N PHE B 197 12.94 19.93 -11.34
CA PHE B 197 12.18 19.42 -10.20
C PHE B 197 13.10 18.60 -9.34
N SER B 198 12.77 18.50 -8.06
CA SER B 198 13.64 17.77 -7.17
C SER B 198 12.84 16.90 -6.20
N CYS B 199 13.29 15.65 -6.07
CA CYS B 199 12.78 14.70 -5.09
C CYS B 199 13.70 14.73 -3.85
N SER B 200 13.13 15.09 -2.70
CA SER B 200 13.85 15.16 -1.41
C SER B 200 13.50 13.92 -0.58
N VAL B 201 14.52 13.28 0.00
CA VAL B 201 14.30 12.09 0.83
C VAL B 201 14.99 12.28 2.20
N MET B 202 14.24 12.01 3.27
CA MET B 202 14.76 12.05 4.64
C MET B 202 14.68 10.68 5.29
N HIS B 203 15.84 10.16 5.70
CA HIS B 203 15.97 8.81 6.24
C HIS B 203 17.23 8.76 7.12
N GLU B 204 17.23 7.89 8.14
CA GLU B 204 18.35 7.85 9.09
C GLU B 204 19.68 7.41 8.46
N ALA B 205 19.61 6.54 7.44
CA ALA B 205 20.79 5.93 6.83
C ALA B 205 21.39 6.75 5.65
N LEU B 206 20.88 7.96 5.44
CA LEU B 206 21.46 8.92 4.53
C LEU B 206 22.43 9.87 5.23
N HIS B 207 23.50 10.28 4.55
CA HIS B 207 24.39 11.35 5.01
C HIS B 207 23.59 12.65 5.21
N ASN B 208 23.80 13.32 6.34
CA ASN B 208 22.98 14.46 6.79
C ASN B 208 21.48 14.14 6.96
N HIS B 209 21.14 12.85 7.01
CA HIS B 209 19.75 12.35 7.03
C HIS B 209 18.85 12.83 5.88
N TYR B 210 19.47 13.25 4.77
CA TYR B 210 18.80 14.02 3.71
C TYR B 210 19.53 13.87 2.40
N THR B 211 18.77 13.67 1.33
CA THR B 211 19.32 13.77 -0.03
C THR B 211 18.27 14.38 -0.98
N GLN B 212 18.76 15.00 -2.06
CA GLN B 212 17.89 15.58 -3.09
C GLN B 212 18.36 15.06 -4.43
N LYS B 213 17.42 14.66 -5.28
CA LYS B 213 17.77 14.22 -6.62
C LYS B 213 16.95 15.02 -7.62
N SER B 214 17.64 15.60 -8.60
CA SER B 214 17.00 16.46 -9.60
C SER B 214 16.38 15.68 -10.74
N LEU B 215 15.39 16.29 -11.37
CA LEU B 215 14.76 15.74 -12.57
C LEU B 215 14.34 16.89 -13.48
N SER B 216 14.88 16.89 -14.71
CA SER B 216 14.44 17.81 -15.75
C SER B 216 14.72 17.24 -17.12
N LEU B 217 14.15 17.86 -18.14
CA LEU B 217 14.40 17.45 -19.52
C LEU B 217 15.86 17.70 -19.89
N SER B 218 16.47 16.72 -20.55
CA SER B 218 17.88 16.80 -20.94
C SER B 218 18.13 16.19 -22.34
C1 NAG C . -11.44 -15.44 17.44
C2 NAG C . -11.71 -13.93 17.39
C3 NAG C . -12.19 -13.50 16.00
C4 NAG C . -11.31 -14.02 14.86
C5 NAG C . -11.15 -15.53 15.07
C6 NAG C . -10.30 -16.20 13.99
C7 NAG C . -12.51 -12.92 19.47
C8 NAG C . -13.69 -12.62 20.36
N2 NAG C . -12.74 -13.59 18.34
O3 NAG C . -12.31 -12.10 16.02
O4 NAG C . -11.84 -13.81 13.56
O5 NAG C . -10.61 -15.79 16.35
O6 NAG C . -9.01 -15.61 13.94
O7 NAG C . -11.39 -12.53 19.77
C1 NAG C . -11.44 -12.57 12.97
C2 NAG C . -11.39 -12.68 11.43
C3 NAG C . -11.05 -11.32 10.81
C4 NAG C . -11.98 -10.24 11.36
C5 NAG C . -12.08 -10.29 12.90
C6 NAG C . -13.15 -9.34 13.43
C7 NAG C . -10.70 -14.74 10.31
C8 NAG C . -9.53 -15.64 10.02
N2 NAG C . -10.42 -13.67 11.04
O3 NAG C . -11.17 -11.46 9.41
O4 NAG C . -11.51 -8.93 11.08
O5 NAG C . -12.39 -11.60 13.36
O6 NAG C . -13.01 -9.25 14.84
O7 NAG C . -11.82 -14.99 9.88
C1 BMA C . -11.91 -8.42 9.80
C2 BMA C . -12.02 -6.90 9.92
C3 BMA C . -12.29 -6.25 8.56
C4 BMA C . -11.32 -6.75 7.49
C5 BMA C . -11.20 -8.26 7.50
C6 BMA C . -10.09 -8.69 6.59
O2 BMA C . -10.79 -6.40 10.46
O3 BMA C . -12.17 -4.83 8.65
O4 BMA C . -11.77 -6.33 6.19
O5 BMA C . -10.92 -8.75 8.82
O6 BMA C . -10.16 -10.10 6.63
C1 MAN C . -9.28 -10.69 5.67
C2 MAN C . -9.46 -12.21 5.68
C3 MAN C . -8.87 -12.88 6.91
C4 MAN C . -7.44 -12.38 7.15
C5 MAN C . -7.47 -10.84 7.17
C6 MAN C . -6.16 -10.15 7.58
O2 MAN C . -8.79 -12.72 4.56
O3 MAN C . -8.89 -14.29 6.77
O4 MAN C . -6.99 -12.92 8.38
O5 MAN C . -7.93 -10.36 5.91
O6 MAN C . -5.21 -10.26 6.53
C1 NAG C . -9.59 -12.63 3.39
C2 NAG C . -8.62 -12.46 2.23
C3 NAG C . -9.37 -12.53 0.91
C4 NAG C . -10.27 -13.77 0.83
C5 NAG C . -11.19 -13.75 2.05
C6 NAG C . -12.20 -14.89 2.06
C7 NAG C . -6.60 -11.18 2.71
C8 NAG C . -5.98 -9.81 2.82
N2 NAG C . -7.90 -11.20 2.37
O3 NAG C . -8.43 -12.56 -0.12
O4 NAG C . -11.02 -13.78 -0.36
O5 NAG C . -10.40 -13.78 3.23
O6 NAG C . -11.58 -16.09 2.44
O7 NAG C . -5.95 -12.20 2.92
C1 MAN C . -13.43 -4.19 8.33
C2 MAN C . -13.15 -2.73 8.01
C3 MAN C . -12.80 -1.97 9.29
C4 MAN C . -13.89 -2.15 10.36
C5 MAN C . -14.22 -3.65 10.57
C6 MAN C . -15.46 -3.82 11.42
O2 MAN C . -14.26 -2.15 7.35
O3 MAN C . -12.59 -0.60 9.01
O4 MAN C . -13.47 -1.55 11.55
O5 MAN C . -14.45 -4.31 9.32
O6 MAN C . -15.54 -5.15 11.92
C1 FUC C . -7.94 -16.59 13.84
C2 FUC C . -6.62 -15.85 13.54
C3 FUC C . -6.28 -14.92 14.71
C4 FUC C . -6.25 -15.71 16.03
C5 FUC C . -7.55 -16.52 16.20
C6 FUC C . -7.59 -17.36 17.47
O2 FUC C . -6.71 -15.11 12.34
O3 FUC C . -5.06 -14.25 14.46
O4 FUC C . -5.15 -16.58 16.06
O5 FUC C . -7.78 -17.33 15.04
C1 NAG D . -14.02 6.96 24.82
C2 NAG D . -13.54 5.50 24.91
C3 NAG D . -12.02 5.35 24.73
C4 NAG D . -11.46 6.22 23.60
C5 NAG D . -11.99 7.65 23.79
C6 NAG D . -11.41 8.66 22.80
C7 NAG D . -14.85 3.95 26.33
C8 NAG D . -15.13 3.51 27.73
N2 NAG D . -13.95 4.94 26.19
O3 NAG D . -11.74 3.99 24.50
O4 NAG D . -10.03 6.18 23.56
O5 NAG D . -13.41 7.63 23.73
O6 NAG D . -12.08 8.59 21.56
O7 NAG D . -15.44 3.42 25.39
C1 NAG D . -9.56 5.28 22.53
C2 NAG D . -8.28 5.79 21.83
C3 NAG D . -7.72 4.74 20.84
C4 NAG D . -7.70 3.30 21.40
C5 NAG D . -9.06 3.00 22.03
C6 NAG D . -9.17 1.58 22.57
C7 NAG D . -8.01 8.22 21.46
C8 NAG D . -8.36 9.38 20.58
N2 NAG D . -8.51 7.03 21.10
O3 NAG D . -6.41 5.12 20.46
O4 NAG D . -7.44 2.35 20.37
O5 NAG D . -9.35 3.97 23.04
O6 NAG D . -9.11 1.57 23.99
O7 NAG D . -7.31 8.41 22.45
C1 BMA D . -6.03 2.11 20.17
C2 BMA D . -5.73 0.62 20.00
C3 BMA D . -4.26 0.37 19.64
C4 BMA D . -3.83 1.24 18.46
C5 BMA D . -4.15 2.71 18.78
C6 BMA D . -3.75 3.68 17.66
O2 BMA D . -6.54 0.07 18.96
O3 BMA D . -4.04 -1.03 19.36
O4 BMA D . -2.43 1.10 18.19
O5 BMA D . -5.55 2.86 19.04
O6 BMA D . -4.00 5.00 18.16
C1 MAN D . -3.68 6.04 17.20
C2 MAN D . -3.73 7.40 17.90
C3 MAN D . -5.20 7.74 18.17
C4 MAN D . -6.00 7.72 16.88
C5 MAN D . -5.85 6.38 16.15
C6 MAN D . -6.53 6.40 14.79
O2 MAN D . -3.22 8.44 17.08
O3 MAN D . -5.29 9.01 18.79
O4 MAN D . -7.36 7.98 17.15
O5 MAN D . -4.47 6.03 16.01
O6 MAN D . -5.70 5.85 13.80
C1 NAG D . -1.82 8.70 17.27
C2 NAG D . -1.29 9.19 15.91
C3 NAG D . 0.17 9.61 16.00
C4 NAG D . 0.45 10.51 17.20
C5 NAG D . -0.18 9.97 18.48
C6 NAG D . 0.05 10.94 19.65
C7 NAG D . -2.45 8.11 14.02
C8 NAG D . -2.40 7.02 12.99
N2 NAG D . -1.41 8.18 14.86
O3 NAG D . 0.47 10.29 14.79
O4 NAG D . 1.84 10.65 17.38
O5 NAG D . -1.57 9.69 18.28
O6 NAG D . -1.12 11.18 20.40
O7 NAG D . -3.41 8.89 14.07
C1 GOL E . -3.82 14.11 -13.29
O1 GOL E . -3.60 13.30 -14.42
C2 GOL E . -3.28 13.43 -12.03
O2 GOL E . -3.38 12.03 -12.15
C3 GOL E . -4.14 13.85 -10.85
O3 GOL E . -3.95 15.23 -10.63
#